data_2XOE
#
_entry.id   2XOE
#
_cell.length_a   42.830
_cell.length_b   45.260
_cell.length_c   55.660
_cell.angle_alpha   90.00
_cell.angle_beta   90.00
_cell.angle_gamma   90.00
#
_symmetry.space_group_name_H-M   'P 21 21 21'
#
loop_
_entity.id
_entity.type
_entity.pdbx_description
1 polymer 'NRDI PROTEIN'
2 non-polymer 'FLAVIN MONONUCLEOTIDE'
3 non-polymer 'ZINC ION'
4 non-polymer 'ACETATE ION'
5 non-polymer 'CACODYLATE ION'
6 water water
#
_entity_poly.entity_id   1
_entity_poly.type   'polypeptide(L)'
_entity_poly.pdbx_seq_one_letter_code
;MLVAYDSMTGNVKRFIHKLNMPAVQIGEDLVIDEDFILITYTTGFGNVPERVLEFLERNNEKLKGVSASGNRNWGDMFGA
SADKISAKYEVPIVSKFELSGTNNDVEYFKERVREIATH
;
_entity_poly.pdbx_strand_id   A
#
# COMPACT_ATOMS: atom_id res chain seq x y z
N MET A 1 6.16 -10.84 6.08
CA MET A 1 6.24 -9.43 6.48
C MET A 1 4.84 -8.90 6.78
N LEU A 2 4.75 -7.95 7.69
CA LEU A 2 3.47 -7.38 8.08
C LEU A 2 3.06 -6.41 6.97
N VAL A 3 1.78 -6.47 6.61
CA VAL A 3 1.18 -5.49 5.68
C VAL A 3 0.28 -4.54 6.43
N ALA A 4 0.57 -3.27 6.38
CA ALA A 4 -0.36 -2.25 6.91
C ALA A 4 -1.16 -1.71 5.73
N TYR A 5 -2.45 -1.49 5.97
CA TYR A 5 -3.26 -1.03 4.84
C TYR A 5 -4.32 -0.03 5.21
N ASP A 6 -4.84 0.68 4.21
CA ASP A 6 -6.04 1.46 4.53
C ASP A 6 -7.00 1.23 3.36
N SER A 7 -8.28 1.34 3.66
CA SER A 7 -9.30 1.12 2.63
C SER A 7 -10.48 1.94 3.03
N MET A 8 -11.06 2.70 2.11
CA MET A 8 -12.26 3.45 2.46
CA MET A 8 -12.26 3.45 2.46
C MET A 8 -13.54 2.74 2.00
N THR A 9 -13.51 2.20 0.79
CA THR A 9 -14.67 1.54 0.20
C THR A 9 -14.51 0.01 0.01
N GLY A 10 -13.42 -0.53 0.51
CA GLY A 10 -13.33 -1.96 0.70
C GLY A 10 -12.44 -2.63 -0.30
N ASN A 11 -11.98 -1.96 -1.36
CA ASN A 11 -11.21 -2.66 -2.40
C ASN A 11 -9.86 -3.11 -1.89
N VAL A 12 -9.12 -2.24 -1.17
CA VAL A 12 -7.84 -2.66 -0.64
C VAL A 12 -8.03 -3.73 0.45
N LYS A 13 -9.10 -3.56 1.24
CA LYS A 13 -9.39 -4.60 2.22
C LYS A 13 -9.62 -5.97 1.56
N ARG A 14 -10.35 -5.97 0.46
CA ARG A 14 -10.52 -7.25 -0.26
C ARG A 14 -9.20 -7.77 -0.73
N PHE A 15 -8.35 -6.92 -1.28
CA PHE A 15 -7.05 -7.38 -1.73
C PHE A 15 -6.23 -8.00 -0.60
N ILE A 16 -6.23 -7.36 0.58
CA ILE A 16 -5.40 -7.93 1.63
CA ILE A 16 -5.52 -7.84 1.73
C ILE A 16 -5.95 -9.26 2.11
N HIS A 17 -7.28 -9.44 2.06
CA HIS A 17 -7.77 -10.76 2.39
C HIS A 17 -7.44 -11.81 1.36
N LYS A 18 -7.04 -11.45 0.17
CA LYS A 18 -6.56 -12.45 -0.78
C LYS A 18 -5.11 -12.84 -0.53
N LEU A 19 -4.36 -12.03 0.21
CA LEU A 19 -2.92 -12.25 0.38
C LEU A 19 -2.65 -13.31 1.44
N ASN A 20 -3.51 -13.38 2.45
CA ASN A 20 -3.23 -14.33 3.55
C ASN A 20 -1.89 -14.08 4.26
N MET A 21 -1.52 -12.80 4.31
CA MET A 21 -0.28 -12.38 5.01
C MET A 21 -0.72 -11.65 6.26
N PRO A 22 0.17 -11.57 7.24
CA PRO A 22 -0.19 -10.75 8.43
C PRO A 22 -0.54 -9.33 8.02
N ALA A 23 -1.62 -8.76 8.55
CA ALA A 23 -2.06 -7.47 8.06
C ALA A 23 -2.76 -6.76 9.17
N VAL A 24 -2.68 -5.44 9.11
CA VAL A 24 -3.29 -4.59 10.11
C VAL A 24 -3.85 -3.36 9.40
N GLN A 25 -5.08 -2.99 9.73
CA GLN A 25 -5.66 -1.80 9.16
C GLN A 25 -5.13 -0.57 9.94
N ILE A 26 -4.68 0.44 9.26
CA ILE A 26 -4.09 1.56 9.99
CA ILE A 26 -4.13 1.64 9.87
C ILE A 26 -5.18 2.38 10.68
N GLY A 27 -4.78 2.95 11.80
CA GLY A 27 -5.68 3.81 12.53
C GLY A 27 -4.89 4.98 13.06
N GLU A 28 -5.62 6.00 13.63
CA GLU A 28 -5.00 7.15 14.29
C GLU A 28 -4.08 6.69 15.37
N ASP A 29 -4.42 5.60 16.05
CA ASP A 29 -3.70 5.24 17.29
C ASP A 29 -2.52 4.31 17.03
N LEU A 30 -2.35 3.85 15.80
CA LEU A 30 -1.51 2.67 15.56
C LEU A 30 -0.05 3.00 15.50
N VAL A 31 0.76 2.26 16.25
CA VAL A 31 2.21 2.36 16.14
C VAL A 31 2.68 0.99 15.68
N ILE A 32 3.44 0.94 14.61
CA ILE A 32 3.99 -0.29 14.09
C ILE A 32 5.48 -0.27 14.34
N ASP A 33 5.90 -1.23 15.15
CA ASP A 33 7.27 -1.40 15.61
C ASP A 33 8.10 -2.38 14.84
N GLU A 34 7.62 -2.92 13.71
CA GLU A 34 8.41 -3.86 12.92
C GLU A 34 8.33 -3.45 11.45
N ASP A 35 9.23 -4.00 10.62
CA ASP A 35 9.22 -3.70 9.21
C ASP A 35 7.85 -4.00 8.60
N PHE A 36 7.39 -3.12 7.72
CA PHE A 36 6.09 -3.39 7.10
C PHE A 36 6.07 -2.84 5.69
N ILE A 37 5.13 -3.37 4.92
CA ILE A 37 4.75 -2.90 3.57
C ILE A 37 3.41 -2.20 3.73
N LEU A 38 3.21 -1.05 3.09
CA LEU A 38 1.96 -0.34 3.19
C LEU A 38 1.23 -0.57 1.88
N ILE A 39 -0.09 -0.84 1.96
CA ILE A 39 -0.94 -0.84 0.76
C ILE A 39 -1.95 0.27 1.03
N THR A 40 -1.99 1.21 0.08
CA THR A 40 -2.87 2.34 0.18
C THR A 40 -3.75 2.39 -1.10
N TYR A 41 -4.85 3.14 -1.06
CA TYR A 41 -5.55 3.50 -2.29
C TYR A 41 -5.18 4.95 -2.63
N THR A 42 -5.64 5.43 -3.76
CA THR A 42 -5.34 6.80 -4.23
C THR A 42 -6.62 7.57 -4.18
N THR A 43 -6.57 8.80 -3.72
CA THR A 43 -7.80 9.60 -3.57
C THR A 43 -7.60 10.95 -4.26
N GLY A 44 -8.69 11.65 -4.52
CA GLY A 44 -8.55 13.00 -4.99
C GLY A 44 -7.86 12.95 -6.33
N PHE A 45 -7.05 13.95 -6.62
CA PHE A 45 -6.24 13.94 -7.82
C PHE A 45 -4.88 13.43 -7.56
N GLY A 46 -4.74 12.12 -7.52
CA GLY A 46 -3.42 11.51 -7.38
C GLY A 46 -2.85 11.52 -5.99
N ASN A 47 -3.70 11.66 -4.97
CA ASN A 47 -3.15 11.95 -3.64
C ASN A 47 -3.16 10.73 -2.69
N VAL A 48 -2.36 10.86 -1.65
CA VAL A 48 -2.32 9.88 -0.56
C VAL A 48 -3.48 10.23 0.37
N PRO A 49 -4.27 9.28 0.83
CA PRO A 49 -5.38 9.57 1.77
C PRO A 49 -4.89 10.13 3.07
N GLU A 50 -5.69 11.05 3.63
CA GLU A 50 -5.25 11.67 4.85
C GLU A 50 -4.88 10.67 5.97
N ARG A 51 -5.65 9.64 6.18
CA ARG A 51 -5.32 8.72 7.26
C ARG A 51 -3.95 8.07 7.05
N VAL A 52 -3.64 7.75 5.79
CA VAL A 52 -2.34 7.18 5.47
C VAL A 52 -1.22 8.20 5.69
N LEU A 53 -1.43 9.45 5.25
CA LEU A 53 -0.45 10.52 5.50
C LEU A 53 -0.15 10.70 6.97
N GLU A 54 -1.20 10.73 7.80
CA GLU A 54 -0.95 10.97 9.23
C GLU A 54 -0.26 9.75 9.84
N PHE A 55 -0.64 8.54 9.43
CA PHE A 55 0.03 7.34 9.91
C PHE A 55 1.49 7.33 9.52
N LEU A 56 1.78 7.64 8.27
CA LEU A 56 3.19 7.65 7.85
C LEU A 56 4.02 8.77 8.51
N GLU A 57 3.38 9.90 8.83
CA GLU A 57 4.07 10.98 9.60
C GLU A 57 4.70 10.40 10.87
N ARG A 58 4.01 9.41 11.46
CA ARG A 58 4.39 8.79 12.74
C ARG A 58 5.15 7.45 12.58
N ASN A 59 5.00 6.74 11.46
CA ASN A 59 5.46 5.34 11.40
C ASN A 59 6.35 5.03 10.24
N ASN A 60 6.90 6.03 9.64
CA ASN A 60 7.65 5.75 8.43
C ASN A 60 9.03 5.06 8.61
N GLU A 61 9.51 5.04 9.84
CA GLU A 61 10.81 4.48 10.18
C GLU A 61 10.94 3.05 9.65
N LYS A 62 9.87 2.27 9.83
CA LYS A 62 9.87 0.85 9.48
C LYS A 62 9.21 0.55 8.14
N LEU A 63 8.85 1.58 7.37
CA LEU A 63 8.23 1.35 6.08
C LEU A 63 9.29 0.75 5.13
N LYS A 64 8.95 -0.36 4.44
CA LYS A 64 9.92 -0.98 3.54
C LYS A 64 9.48 -0.96 2.06
N GLY A 65 8.27 -0.53 1.78
CA GLY A 65 7.77 -0.57 0.41
C GLY A 65 6.30 -0.18 0.40
N VAL A 66 5.76 0.20 -0.78
CA VAL A 66 4.37 0.63 -0.82
C VAL A 66 3.75 0.12 -2.10
N SER A 67 2.50 -0.33 -1.98
CA SER A 67 1.68 -0.66 -3.15
CA SER A 67 1.71 -0.68 -3.13
C SER A 67 0.47 0.23 -3.13
N ALA A 68 -0.09 0.51 -4.30
CA ALA A 68 -1.35 1.28 -4.37
C ALA A 68 -2.40 0.56 -5.19
N SER A 69 -3.65 0.60 -4.69
CA SER A 69 -4.81 0.30 -5.48
C SER A 69 -5.21 1.58 -6.13
N GLY A 70 -5.70 1.49 -7.33
CA GLY A 70 -6.10 2.68 -8.05
C GLY A 70 -7.01 2.32 -9.23
N ASN A 71 -7.06 3.19 -10.22
CA ASN A 71 -8.01 2.99 -11.31
C ASN A 71 -7.36 3.64 -12.54
N ARG A 72 -7.11 2.85 -13.58
CA ARG A 72 -6.38 3.36 -14.75
C ARG A 72 -7.08 4.48 -15.50
N ASN A 73 -8.37 4.76 -15.22
CA ASN A 73 -8.98 5.92 -15.84
CA ASN A 73 -9.03 6.00 -15.70
C ASN A 73 -8.31 7.22 -15.34
N TRP A 74 -7.53 7.12 -14.25
CA TRP A 74 -6.80 8.28 -13.79
C TRP A 74 -5.52 8.52 -14.56
N GLY A 75 -5.24 7.74 -15.60
CA GLY A 75 -4.16 8.08 -16.53
C GLY A 75 -2.83 8.15 -15.74
N ASP A 76 -2.05 9.24 -15.91
CA ASP A 76 -0.76 9.28 -15.21
C ASP A 76 -0.88 9.44 -13.73
N MET A 77 -2.10 9.62 -13.24
CA MET A 77 -2.29 9.65 -11.79
C MET A 77 -2.62 8.24 -11.23
N PHE A 78 -2.62 7.22 -12.09
CA PHE A 78 -2.87 5.88 -11.64
C PHE A 78 -1.88 5.49 -10.52
N GLY A 79 -2.43 5.10 -9.35
CA GLY A 79 -1.59 4.72 -8.22
C GLY A 79 -0.59 5.73 -7.79
N ALA A 80 -0.89 7.03 -8.04
CA ALA A 80 0.15 8.05 -7.77
C ALA A 80 0.38 8.20 -6.27
N SER A 81 -0.45 7.64 -5.40
CA SER A 81 -0.14 7.67 -3.97
C SER A 81 1.13 6.89 -3.72
N ALA A 82 1.31 5.75 -4.40
CA ALA A 82 2.54 4.99 -4.25
C ALA A 82 3.77 5.78 -4.78
N ASP A 83 3.60 6.50 -5.88
CA ASP A 83 4.74 7.28 -6.35
CA ASP A 83 4.68 7.31 -6.41
C ASP A 83 5.14 8.33 -5.36
N LYS A 84 4.15 8.98 -4.75
CA LYS A 84 4.47 10.01 -3.80
C LYS A 84 5.14 9.45 -2.60
N ILE A 85 4.62 8.35 -2.05
CA ILE A 85 5.22 7.77 -0.86
C ILE A 85 6.62 7.22 -1.11
N SER A 86 6.78 6.56 -2.25
CA SER A 86 8.10 6.05 -2.63
C SER A 86 9.13 7.12 -2.75
N ALA A 87 8.76 8.26 -3.38
CA ALA A 87 9.72 9.36 -3.58
C ALA A 87 10.04 10.03 -2.25
N LYS A 88 9.02 10.25 -1.44
CA LYS A 88 9.24 11.00 -0.22
C LYS A 88 10.06 10.19 0.77
N TYR A 89 9.68 8.91 0.97
CA TYR A 89 10.28 8.11 2.00
C TYR A 89 11.41 7.19 1.49
N GLU A 90 11.73 7.27 0.19
CA GLU A 90 12.75 6.46 -0.41
C GLU A 90 12.62 4.98 -0.15
N VAL A 91 11.46 4.47 -0.51
CA VAL A 91 11.20 3.05 -0.44
C VAL A 91 10.66 2.62 -1.80
N PRO A 92 10.80 1.31 -2.13
CA PRO A 92 10.34 0.86 -3.43
C PRO A 92 8.81 0.84 -3.56
N ILE A 93 8.35 1.13 -4.79
CA ILE A 93 6.97 0.75 -5.13
C ILE A 93 6.90 -0.73 -5.41
N VAL A 94 6.16 -1.45 -4.57
CA VAL A 94 6.04 -2.90 -4.74
C VAL A 94 5.23 -3.24 -5.96
N SER A 95 4.08 -2.60 -6.07
CA SER A 95 3.20 -2.85 -7.22
C SER A 95 2.10 -1.80 -7.23
N LYS A 96 1.40 -1.71 -8.36
CA LYS A 96 0.16 -0.93 -8.50
C LYS A 96 -0.87 -1.89 -9.07
N PHE A 97 -2.10 -1.84 -8.56
CA PHE A 97 -3.14 -2.70 -9.14
C PHE A 97 -4.42 -1.90 -9.19
N GLU A 98 -5.34 -2.31 -10.04
CA GLU A 98 -6.67 -1.67 -10.06
C GLU A 98 -7.61 -2.30 -9.03
N LEU A 99 -8.32 -1.43 -8.35
CA LEU A 99 -9.50 -1.83 -7.57
C LEU A 99 -9.06 -2.93 -6.59
N SER A 100 -9.77 -4.09 -6.55
CA SER A 100 -9.40 -5.13 -5.60
C SER A 100 -8.35 -6.10 -6.12
N GLY A 101 -7.83 -5.83 -7.33
CA GLY A 101 -6.76 -6.62 -7.90
C GLY A 101 -7.19 -7.95 -8.50
N THR A 102 -6.33 -8.47 -9.33
CA THR A 102 -6.53 -9.79 -9.89
C THR A 102 -5.69 -10.83 -9.15
N ASN A 103 -5.89 -12.12 -9.48
CA ASN A 103 -5.06 -13.16 -8.87
C ASN A 103 -3.55 -12.99 -9.16
N ASN A 104 -3.25 -12.51 -10.34
CA ASN A 104 -1.87 -12.22 -10.70
C ASN A 104 -1.35 -11.06 -9.91
N ASP A 105 -2.18 -10.03 -9.64
CA ASP A 105 -1.71 -8.93 -8.81
C ASP A 105 -1.37 -9.41 -7.44
N VAL A 106 -2.15 -10.35 -6.91
CA VAL A 106 -1.88 -10.91 -5.60
C VAL A 106 -0.54 -11.65 -5.58
N GLU A 107 -0.33 -12.57 -6.53
CA GLU A 107 0.89 -13.35 -6.53
C GLU A 107 2.09 -12.41 -6.75
N TYR A 108 1.95 -11.41 -7.63
CA TYR A 108 3.05 -10.53 -7.93
C TYR A 108 3.43 -9.77 -6.68
N PHE A 109 2.45 -9.24 -5.96
CA PHE A 109 2.77 -8.53 -4.74
C PHE A 109 3.55 -9.44 -3.80
N LYS A 110 3.07 -10.68 -3.60
CA LYS A 110 3.70 -11.57 -2.64
C LYS A 110 5.16 -11.85 -3.07
N GLU A 111 5.36 -12.09 -4.35
CA GLU A 111 6.71 -12.39 -4.84
C GLU A 111 7.64 -11.18 -4.69
N ARG A 112 7.13 -9.98 -4.97
CA ARG A 112 7.99 -8.81 -4.81
C ARG A 112 8.30 -8.56 -3.32
N VAL A 113 7.32 -8.76 -2.42
CA VAL A 113 7.59 -8.57 -1.01
C VAL A 113 8.57 -9.60 -0.49
N ARG A 114 8.51 -10.84 -1.00
CA ARG A 114 9.50 -11.83 -0.56
C ARG A 114 10.91 -11.36 -0.92
N GLU A 115 11.04 -10.68 -2.06
CA GLU A 115 12.35 -10.16 -2.47
CA GLU A 115 12.34 -10.15 -2.46
C GLU A 115 12.79 -9.06 -1.52
N ILE A 116 11.91 -8.11 -1.26
CA ILE A 116 12.28 -6.96 -0.42
C ILE A 116 12.60 -7.42 0.98
N ALA A 117 11.87 -8.43 1.48
CA ALA A 117 12.12 -8.96 2.82
C ALA A 117 13.55 -9.63 3.00
N THR A 118 14.19 -10.03 1.90
CA THR A 118 15.56 -10.65 1.95
CA THR A 118 15.56 -10.65 1.94
C THR A 118 16.67 -9.60 2.07
N HIS A 119 16.45 -8.37 1.97
#